data_2PNF
#
_entry.id   2PNF
#
_cell.length_a   105.600
_cell.length_b   63.600
_cell.length_c   73.600
_cell.angle_alpha   90.00
_cell.angle_beta   90.00
_cell.angle_gamma   90.00
#
_symmetry.space_group_name_H-M   'P 21 21 2'
#
loop_
_entity.id
_entity.type
_entity.pdbx_description
1 polymer '3-oxoacyl-[acyl-carrier-protein] reductase'
2 non-polymer 'PENTAETHYLENE GLYCOL'
3 non-polymer '2-(N-MORPHOLINO)-ETHANESULFONIC ACID'
4 water water
#
_entity_poly.entity_id   1
_entity_poly.type   'polypeptide(L)'
_entity_poly.pdbx_seq_one_letter_code
;MEIKLQGKVSLVTGSTRGIGRAIAEKLASAGSTVIITGTSGERAKAVAEEIANKYGVKAHGVEMNLLSEESINKAFEEIY
NLVDGIDILVNNAGITRDKLFLRMSLLDWEEVLKVNLTGTFLVTQNSLRKMIKQRWGRIVNISSVVGFTGNVGQVNYSTT
KAGLIGFTKSLAKELAPRNVLVNAVAPGFIETDMTAVLSEEIKQKYKEQIPLGRFGSPEEVANVVLFLCSELASYITGEV
IHVNGGMF
;
_entity_poly.pdbx_strand_id   A,B
#
loop_
_chem_comp.id
_chem_comp.type
_chem_comp.name
_chem_comp.formula
1PE non-polymer 'PENTAETHYLENE GLYCOL' 'C10 H22 O6'
MES non-polymer '2-(N-MORPHOLINO)-ETHANESULFONIC ACID' 'C6 H13 N O4 S'
#
# COMPACT_ATOMS: atom_id res chain seq x y z
N MET A 1 -29.37 -12.96 22.01
CA MET A 1 -28.30 -13.00 20.97
C MET A 1 -27.04 -12.46 21.61
N GLU A 2 -26.08 -13.32 21.89
CA GLU A 2 -24.88 -12.77 22.51
C GLU A 2 -23.69 -13.17 21.65
N ILE A 3 -22.59 -12.45 21.82
CA ILE A 3 -21.39 -12.78 21.07
C ILE A 3 -20.44 -13.30 22.12
N LYS A 4 -20.03 -14.54 21.96
CA LYS A 4 -19.13 -15.06 22.95
C LYS A 4 -17.92 -15.69 22.28
N LEU A 5 -16.76 -15.42 22.87
CA LEU A 5 -15.52 -15.93 22.33
C LEU A 5 -14.78 -16.83 23.33
N GLN A 6 -15.48 -17.32 24.36
CA GLN A 6 -14.78 -18.22 25.29
C GLN A 6 -14.17 -19.39 24.53
N GLY A 7 -12.93 -19.72 24.86
CA GLY A 7 -12.29 -20.82 24.19
C GLY A 7 -11.40 -20.38 23.06
N LYS A 8 -11.59 -19.16 22.58
CA LYS A 8 -10.78 -18.61 21.47
C LYS A 8 -9.60 -17.83 22.04
N VAL A 9 -8.55 -17.67 21.23
CA VAL A 9 -7.38 -16.91 21.63
C VAL A 9 -7.21 -15.80 20.61
N SER A 10 -7.11 -14.57 21.11
CA SER A 10 -6.96 -13.41 20.21
C SER A 10 -5.62 -12.71 20.46
N LEU A 11 -4.90 -12.38 19.39
CA LEU A 11 -3.64 -11.67 19.52
C LEU A 11 -3.94 -10.27 18.98
N VAL A 12 -3.66 -9.22 19.76
CA VAL A 12 -3.88 -7.87 19.30
C VAL A 12 -2.54 -7.17 19.38
N THR A 13 -1.96 -6.78 18.24
CA THR A 13 -0.69 -6.11 18.31
C THR A 13 -0.83 -4.65 18.68
N GLY A 14 0.17 -4.14 19.39
CA GLY A 14 0.17 -2.73 19.80
C GLY A 14 -1.03 -2.44 20.67
N SER A 15 -1.25 -3.29 21.68
CA SER A 15 -2.42 -3.17 22.53
C SER A 15 -2.17 -2.73 23.97
N THR A 16 -1.07 -2.02 24.23
CA THR A 16 -0.79 -1.55 25.60
C THR A 16 -1.48 -0.23 25.84
N ARG A 17 -2.06 0.34 24.80
CA ARG A 17 -2.77 1.58 24.95
C ARG A 17 -3.60 1.91 23.74
N GLY A 18 -4.38 2.97 23.87
CA GLY A 18 -5.22 3.42 22.77
C GLY A 18 -6.22 2.45 22.20
N ILE A 19 -6.35 2.51 20.88
CA ILE A 19 -7.29 1.68 20.17
C ILE A 19 -6.98 0.20 20.36
N GLY A 20 -5.70 -0.14 20.28
CA GLY A 20 -5.30 -1.55 20.47
C GLY A 20 -5.71 -2.07 21.85
N ARG A 21 -5.52 -1.26 22.89
CA ARG A 21 -5.93 -1.73 24.20
C ARG A 21 -7.48 -1.85 24.27
N ALA A 22 -8.21 -0.92 23.66
CA ALA A 22 -9.67 -1.02 23.67
C ALA A 22 -10.12 -2.29 22.97
N ILE A 23 -9.44 -2.62 21.88
CA ILE A 23 -9.77 -3.83 21.15
C ILE A 23 -9.54 -5.08 22.02
N ALA A 24 -8.38 -5.15 22.67
CA ALA A 24 -8.12 -6.33 23.51
C ALA A 24 -9.12 -6.40 24.67
N GLU A 25 -9.47 -5.26 25.25
CA GLU A 25 -10.46 -5.28 26.33
C GLU A 25 -11.81 -5.70 25.84
N LYS A 26 -12.18 -5.26 24.64
CA LYS A 26 -13.46 -5.65 24.09
C LYS A 26 -13.51 -7.15 23.82
N LEU A 27 -12.45 -7.71 23.25
CA LEU A 27 -12.45 -9.16 23.00
C LEU A 27 -12.48 -9.93 24.33
N ALA A 28 -11.75 -9.43 25.32
CA ALA A 28 -11.73 -10.06 26.64
C ALA A 28 -13.14 -10.00 27.23
N SER A 29 -13.83 -8.88 27.04
CA SER A 29 -15.17 -8.73 27.58
C SER A 29 -16.14 -9.75 26.98
N ALA A 30 -15.83 -10.24 25.78
CA ALA A 30 -16.66 -11.25 25.13
C ALA A 30 -16.18 -12.66 25.50
N GLY A 31 -15.14 -12.75 26.32
CA GLY A 31 -14.68 -14.08 26.78
C GLY A 31 -13.39 -14.62 26.17
N SER A 32 -12.84 -13.87 25.25
CA SER A 32 -11.62 -14.35 24.62
C SER A 32 -10.36 -14.30 25.50
N THR A 33 -9.49 -15.29 25.32
CA THR A 33 -8.17 -15.26 25.92
C THR A 33 -7.46 -14.20 25.07
N VAL A 34 -6.66 -13.33 25.68
CA VAL A 34 -6.01 -12.29 24.88
C VAL A 34 -4.51 -12.17 25.05
N ILE A 35 -3.84 -11.88 23.94
CA ILE A 35 -2.42 -11.67 23.97
C ILE A 35 -2.17 -10.21 23.64
N ILE A 36 -1.52 -9.54 24.58
CA ILE A 36 -1.19 -8.13 24.49
C ILE A 36 0.25 -7.99 24.04
N THR A 37 0.54 -7.08 23.10
CA THR A 37 1.92 -6.85 22.71
C THR A 37 2.24 -5.38 22.77
N GLY A 38 3.51 -5.07 23.00
CA GLY A 38 3.93 -3.68 23.05
C GLY A 38 5.44 -3.69 22.86
N THR A 39 6.03 -2.54 22.59
CA THR A 39 7.48 -2.46 22.43
C THR A 39 8.19 -2.67 23.76
N SER A 40 7.42 -2.60 24.84
CA SER A 40 7.92 -2.83 26.18
C SER A 40 7.27 -4.09 26.75
N GLY A 41 8.03 -5.16 26.91
CA GLY A 41 7.47 -6.38 27.46
C GLY A 41 6.86 -6.18 28.84
N GLU A 42 7.47 -5.28 29.61
CA GLU A 42 6.96 -5.00 30.96
C GLU A 42 5.59 -4.36 30.94
N ARG A 43 5.43 -3.37 30.07
CA ARG A 43 4.14 -2.71 29.98
C ARG A 43 3.08 -3.67 29.43
N ALA A 44 3.47 -4.53 28.49
CA ALA A 44 2.55 -5.49 27.91
C ALA A 44 2.06 -6.45 28.97
N LYS A 45 2.98 -6.94 29.81
CA LYS A 45 2.57 -7.87 30.87
C LYS A 45 1.71 -7.17 31.91
N ALA A 46 2.01 -5.89 32.17
CA ALA A 46 1.24 -5.13 33.13
C ALA A 46 -0.20 -4.93 32.63
N VAL A 47 -0.34 -4.61 31.35
CA VAL A 47 -1.66 -4.39 30.79
C VAL A 47 -2.41 -5.68 30.75
N ALA A 48 -1.74 -6.76 30.40
CA ALA A 48 -2.39 -8.06 30.36
C ALA A 48 -2.91 -8.40 31.76
N GLU A 49 -2.11 -8.09 32.77
CA GLU A 49 -2.52 -8.39 34.14
C GLU A 49 -3.76 -7.59 34.54
N GLU A 50 -3.80 -6.32 34.14
CA GLU A 50 -4.94 -5.48 34.44
C GLU A 50 -6.20 -6.02 33.74
N ILE A 51 -6.07 -6.35 32.47
CA ILE A 51 -7.21 -6.88 31.74
C ILE A 51 -7.69 -8.20 32.38
N ALA A 52 -6.78 -9.09 32.76
CA ALA A 52 -7.19 -10.34 33.38
C ALA A 52 -7.92 -10.07 34.70
N ASN A 53 -7.49 -9.08 35.45
CA ASN A 53 -8.16 -8.77 36.71
C ASN A 53 -9.53 -8.16 36.50
N LYS A 54 -9.65 -7.31 35.50
CA LYS A 54 -10.92 -6.65 35.20
C LYS A 54 -11.99 -7.58 34.61
N TYR A 55 -11.58 -8.47 33.71
CA TYR A 55 -12.55 -9.34 33.04
C TYR A 55 -12.44 -10.80 33.43
N GLY A 56 -11.39 -11.17 34.15
CA GLY A 56 -11.24 -12.55 34.57
C GLY A 56 -10.76 -13.51 33.48
N VAL A 57 -10.23 -12.99 32.37
CA VAL A 57 -9.77 -13.89 31.31
C VAL A 57 -8.28 -14.21 31.41
N LYS A 58 -7.88 -15.27 30.72
CA LYS A 58 -6.48 -15.67 30.61
C LYS A 58 -5.91 -14.59 29.66
N ALA A 59 -4.86 -13.91 30.09
CA ALA A 59 -4.23 -12.87 29.28
C ALA A 59 -2.71 -12.99 29.42
N HIS A 60 -1.99 -12.69 28.35
CA HIS A 60 -0.54 -12.79 28.34
C HIS A 60 0.00 -11.59 27.63
N GLY A 61 1.13 -11.08 28.12
CA GLY A 61 1.74 -9.91 27.47
C GLY A 61 3.12 -10.31 26.95
N VAL A 62 3.48 -9.86 25.75
CA VAL A 62 4.79 -10.18 25.19
C VAL A 62 5.37 -8.95 24.56
N GLU A 63 6.68 -8.84 24.56
CA GLU A 63 7.29 -7.68 23.96
C GLU A 63 7.37 -7.99 22.45
N MET A 64 7.05 -7.00 21.62
CA MET A 64 7.12 -7.24 20.20
C MET A 64 7.40 -5.91 19.53
N ASN A 65 8.58 -5.78 18.93
CA ASN A 65 8.86 -4.54 18.24
C ASN A 65 8.75 -4.92 16.78
N LEU A 66 7.76 -4.35 16.09
CA LEU A 66 7.52 -4.70 14.69
C LEU A 66 8.58 -4.15 13.76
N LEU A 67 9.54 -3.41 14.31
CA LEU A 67 10.62 -2.92 13.45
C LEU A 67 11.63 -4.04 13.30
N SER A 68 11.56 -5.02 14.21
CA SER A 68 12.49 -6.14 14.17
C SER A 68 11.88 -7.48 13.88
N GLU A 69 12.36 -8.12 12.81
CA GLU A 69 11.85 -9.43 12.47
C GLU A 69 12.23 -10.39 13.59
N GLU A 70 13.39 -10.18 14.19
CA GLU A 70 13.83 -11.06 15.27
C GLU A 70 12.89 -10.94 16.48
N SER A 71 12.52 -9.71 16.83
CA SER A 71 11.62 -9.48 17.95
C SER A 71 10.28 -10.18 17.71
N ILE A 72 9.77 -10.08 16.49
CA ILE A 72 8.50 -10.71 16.15
C ILE A 72 8.54 -12.26 16.25
N ASN A 73 9.50 -12.89 15.60
CA ASN A 73 9.55 -14.36 15.67
C ASN A 73 9.79 -14.81 17.11
N LYS A 74 10.54 -14.02 17.87
CA LYS A 74 10.81 -14.33 19.27
C LYS A 74 9.56 -14.20 20.15
N ALA A 75 8.73 -13.20 19.84
CA ALA A 75 7.50 -13.03 20.61
C ALA A 75 6.63 -14.27 20.32
N PHE A 76 6.64 -14.73 19.07
CA PHE A 76 5.81 -15.86 18.74
C PHE A 76 6.28 -17.14 19.39
N GLU A 77 7.57 -17.26 19.65
CA GLU A 77 8.03 -18.48 20.33
C GLU A 77 7.42 -18.48 21.73
N GLU A 78 7.38 -17.32 22.39
CA GLU A 78 6.79 -17.21 23.71
C GLU A 78 5.30 -17.48 23.64
N ILE A 79 4.64 -16.88 22.65
CA ILE A 79 3.21 -17.09 22.49
C ILE A 79 2.80 -18.54 22.34
N TYR A 80 3.52 -19.28 21.49
CA TYR A 80 3.14 -20.66 21.25
C TYR A 80 3.47 -21.59 22.42
N ASN A 81 4.16 -21.07 23.41
CA ASN A 81 4.43 -21.90 24.58
C ASN A 81 3.33 -21.61 25.62
N LEU A 82 2.53 -20.57 25.37
CA LEU A 82 1.47 -20.20 26.30
C LEU A 82 0.08 -20.65 25.85
N VAL A 83 -0.14 -20.69 24.53
CA VAL A 83 -1.45 -21.09 24.01
C VAL A 83 -1.30 -22.14 22.94
N ASP A 84 -2.36 -22.90 22.68
CA ASP A 84 -2.33 -23.91 21.64
C ASP A 84 -2.05 -23.22 20.30
N GLY A 85 -2.67 -22.06 20.13
CA GLY A 85 -2.48 -21.33 18.88
C GLY A 85 -3.38 -20.12 18.87
N ILE A 86 -3.42 -19.43 17.73
CA ILE A 86 -4.21 -18.18 17.61
C ILE A 86 -5.41 -18.36 16.69
N ASP A 87 -6.58 -17.96 17.17
CA ASP A 87 -7.81 -18.08 16.40
C ASP A 87 -8.18 -16.77 15.75
N ILE A 88 -7.82 -15.68 16.42
CA ILE A 88 -8.13 -14.32 15.99
C ILE A 88 -6.87 -13.46 16.05
N LEU A 89 -6.61 -12.73 14.96
CA LEU A 89 -5.48 -11.83 14.93
C LEU A 89 -5.99 -10.42 14.55
N VAL A 90 -5.65 -9.44 15.37
CA VAL A 90 -5.98 -8.06 15.02
C VAL A 90 -4.66 -7.32 14.82
N ASN A 91 -4.37 -6.99 13.55
CA ASN A 91 -3.12 -6.28 13.19
C ASN A 91 -3.43 -4.80 13.40
N ASN A 92 -3.16 -4.35 14.61
CA ASN A 92 -3.44 -2.97 15.01
C ASN A 92 -2.20 -2.10 15.09
N ALA A 93 -1.06 -2.71 15.40
CA ALA A 93 0.17 -1.95 15.56
C ALA A 93 0.49 -1.16 14.28
N GLY A 94 0.78 0.11 14.43
CA GLY A 94 1.09 0.93 13.28
C GLY A 94 1.68 2.21 13.79
N ILE A 95 2.53 2.86 13.00
CA ILE A 95 3.17 4.09 13.42
C ILE A 95 3.05 5.11 12.31
N THR A 96 3.27 6.37 12.68
CA THR A 96 3.33 7.49 11.73
C THR A 96 4.71 8.12 11.92
N ARG A 97 5.23 8.75 10.86
CA ARG A 97 6.49 9.48 10.90
C ARG A 97 6.15 10.60 9.91
N ASP A 98 5.42 11.60 10.40
CA ASP A 98 4.91 12.68 9.54
C ASP A 98 5.95 13.67 9.04
N LYS A 99 5.85 14.04 7.77
CA LYS A 99 6.75 15.00 7.17
C LYS A 99 6.25 15.32 5.77
N LEU A 100 6.36 16.58 5.35
CA LEU A 100 5.96 16.89 3.99
C LEU A 100 6.88 16.03 3.12
N PHE A 101 6.34 15.60 1.99
CA PHE A 101 7.00 14.66 1.13
C PHE A 101 8.41 15.01 0.66
N LEU A 102 8.48 16.18 0.05
CA LEU A 102 9.72 16.67 -0.48
C LEU A 102 10.84 16.63 0.54
N ARG A 103 10.49 16.49 1.81
CA ARG A 103 11.56 16.47 2.77
C ARG A 103 11.55 15.33 3.76
N MET A 104 10.84 14.29 3.36
CA MET A 104 10.72 13.11 4.18
C MET A 104 12.03 12.34 4.08
N SER A 105 12.57 11.90 5.22
CA SER A 105 13.81 11.16 5.17
C SER A 105 13.51 9.73 4.74
N LEU A 106 14.52 9.03 4.23
CA LEU A 106 14.31 7.64 3.81
C LEU A 106 13.95 6.82 5.05
N LEU A 107 14.57 7.14 6.18
CA LEU A 107 14.25 6.39 7.38
C LEU A 107 12.76 6.65 7.78
N ASP A 108 12.26 7.89 7.67
CA ASP A 108 10.86 8.10 8.03
C ASP A 108 9.93 7.27 7.14
N TRP A 109 10.27 7.20 5.86
CA TRP A 109 9.47 6.40 4.92
C TRP A 109 9.58 4.92 5.25
N GLU A 110 10.80 4.40 5.33
CA GLU A 110 10.96 2.97 5.53
C GLU A 110 10.46 2.39 6.85
N GLU A 111 10.58 3.15 7.92
CA GLU A 111 10.13 2.64 9.22
C GLU A 111 8.63 2.44 9.18
N VAL A 112 7.93 3.37 8.53
CA VAL A 112 6.46 3.30 8.46
C VAL A 112 6.06 2.07 7.65
N LEU A 113 6.76 1.85 6.54
CA LEU A 113 6.48 0.66 5.74
C LEU A 113 6.89 -0.62 6.51
N LYS A 114 7.98 -0.55 7.25
CA LYS A 114 8.50 -1.75 7.96
C LYS A 114 7.53 -2.22 9.02
N VAL A 115 6.98 -1.29 9.79
CA VAL A 115 6.05 -1.65 10.82
C VAL A 115 4.65 -1.94 10.29
N ASN A 116 4.11 -1.03 9.48
CA ASN A 116 2.72 -1.16 9.05
C ASN A 116 2.42 -2.25 8.01
N LEU A 117 3.36 -2.49 7.10
CA LEU A 117 3.16 -3.50 6.08
C LEU A 117 3.98 -4.76 6.41
N THR A 118 5.30 -4.62 6.57
CA THR A 118 6.12 -5.82 6.82
C THR A 118 5.83 -6.48 8.17
N GLY A 119 5.61 -5.66 9.19
CA GLY A 119 5.29 -6.20 10.51
C GLY A 119 3.97 -6.94 10.45
N THR A 120 2.97 -6.36 9.76
CA THR A 120 1.69 -7.01 9.60
C THR A 120 1.88 -8.32 8.80
N PHE A 121 2.70 -8.27 7.74
CA PHE A 121 2.96 -9.50 6.98
C PHE A 121 3.49 -10.63 7.90
N LEU A 122 4.54 -10.31 8.66
CA LEU A 122 5.19 -11.33 9.52
C LEU A 122 4.30 -11.82 10.66
N VAL A 123 3.61 -10.89 11.30
CA VAL A 123 2.72 -11.28 12.39
C VAL A 123 1.59 -12.20 11.85
N THR A 124 1.05 -11.83 10.69
CA THR A 124 0.00 -12.62 10.12
C THR A 124 0.53 -14.01 9.72
N GLN A 125 1.68 -14.07 9.06
CA GLN A 125 2.21 -15.38 8.67
C GLN A 125 2.42 -16.32 9.89
N ASN A 126 2.87 -15.74 10.97
CA ASN A 126 3.10 -16.48 12.22
C ASN A 126 1.84 -16.89 12.97
N SER A 127 0.71 -16.26 12.66
CA SER A 127 -0.54 -16.54 13.39
C SER A 127 -1.48 -17.51 12.69
N LEU A 128 -1.20 -17.87 11.44
CA LEU A 128 -2.12 -18.72 10.70
C LEU A 128 -2.30 -20.21 11.01
N ARG A 129 -1.28 -20.83 11.57
CA ARG A 129 -1.30 -22.27 11.82
C ARG A 129 -2.61 -22.90 12.34
N LYS A 130 -3.04 -22.50 13.53
CA LYS A 130 -4.25 -23.07 14.12
C LYS A 130 -5.52 -22.78 13.29
N MET A 131 -5.57 -21.59 12.69
CA MET A 131 -6.70 -21.18 11.90
C MET A 131 -6.92 -22.07 10.68
N ILE A 132 -5.85 -22.30 9.92
CA ILE A 132 -5.92 -23.10 8.73
C ILE A 132 -6.23 -24.57 9.07
N LYS A 133 -5.64 -25.03 10.16
CA LYS A 133 -5.85 -26.40 10.59
C LYS A 133 -7.30 -26.66 10.95
N GLN A 134 -7.92 -25.76 11.71
CA GLN A 134 -9.31 -25.96 12.14
C GLN A 134 -10.36 -25.39 11.19
N ARG A 135 -9.90 -24.72 10.13
CA ARG A 135 -10.80 -24.09 9.17
C ARG A 135 -11.70 -23.06 9.81
N TRP A 136 -11.11 -22.24 10.66
CA TRP A 136 -11.85 -21.15 11.27
C TRP A 136 -10.77 -20.20 11.71
N GLY A 137 -10.91 -18.94 11.33
CA GLY A 137 -9.91 -17.95 11.74
C GLY A 137 -10.43 -16.59 11.32
N ARG A 138 -10.02 -15.56 12.06
CA ARG A 138 -10.42 -14.20 11.72
C ARG A 138 -9.20 -13.27 11.83
N ILE A 139 -8.91 -12.54 10.76
CA ILE A 139 -7.77 -11.61 10.79
C ILE A 139 -8.40 -10.26 10.49
N VAL A 140 -8.11 -9.28 11.32
CA VAL A 140 -8.66 -7.96 11.13
C VAL A 140 -7.50 -7.00 11.07
N ASN A 141 -7.37 -6.28 9.95
CA ASN A 141 -6.29 -5.33 9.79
C ASN A 141 -6.82 -3.91 10.02
N ILE A 142 -6.18 -3.20 10.92
CA ILE A 142 -6.60 -1.83 11.18
C ILE A 142 -5.93 -0.91 10.16
N SER A 143 -6.76 -0.32 9.30
CA SER A 143 -6.31 0.61 8.25
C SER A 143 -6.64 2.02 8.77
N SER A 144 -7.06 2.92 7.89
CA SER A 144 -7.40 4.31 8.28
C SER A 144 -8.08 5.04 7.14
N VAL A 145 -8.99 5.94 7.48
CA VAL A 145 -9.66 6.71 6.49
C VAL A 145 -8.60 7.38 5.59
N VAL A 146 -7.43 7.69 6.15
CA VAL A 146 -6.38 8.38 5.40
C VAL A 146 -5.77 7.53 4.25
N GLY A 147 -5.93 6.22 4.33
CA GLY A 147 -5.45 5.34 3.27
C GLY A 147 -6.37 5.46 2.07
N PHE A 148 -7.57 6.04 2.29
CA PHE A 148 -8.54 6.19 1.19
C PHE A 148 -8.61 7.59 0.61
N THR A 149 -8.48 8.58 1.48
CA THR A 149 -8.54 9.96 1.09
C THR A 149 -7.17 10.58 0.82
N GLY A 150 -6.13 10.00 1.42
CA GLY A 150 -4.81 10.61 1.30
C GLY A 150 -4.77 11.71 2.38
N ASN A 151 -3.58 12.17 2.80
CA ASN A 151 -3.49 13.24 3.81
C ASN A 151 -2.15 13.92 3.71
N VAL A 152 -2.16 15.25 3.70
CA VAL A 152 -0.94 16.05 3.64
C VAL A 152 -0.04 15.70 4.82
N GLY A 153 1.26 15.51 4.54
CA GLY A 153 2.24 15.19 5.56
C GLY A 153 2.29 13.72 5.92
N GLN A 154 1.45 12.91 5.30
CA GLN A 154 1.40 11.48 5.62
C GLN A 154 1.47 10.58 4.38
N VAL A 155 2.25 10.99 3.39
CA VAL A 155 2.30 10.15 2.20
C VAL A 155 2.75 8.70 2.57
N ASN A 156 3.68 8.57 3.53
CA ASN A 156 4.15 7.23 3.96
C ASN A 156 3.04 6.46 4.68
N TYR A 157 2.41 7.10 5.66
CA TYR A 157 1.33 6.45 6.38
C TYR A 157 0.17 6.09 5.46
N SER A 158 -0.26 7.02 4.58
CA SER A 158 -1.37 6.75 3.67
C SER A 158 -1.07 5.59 2.71
N THR A 159 0.16 5.55 2.21
CA THR A 159 0.63 4.49 1.34
C THR A 159 0.42 3.15 2.08
N THR A 160 0.84 3.06 3.34
CA THR A 160 0.65 1.79 4.06
C THR A 160 -0.80 1.44 4.38
N LYS A 161 -1.60 2.45 4.74
CA LYS A 161 -2.98 2.15 5.08
C LYS A 161 -3.77 1.73 3.82
N ALA A 162 -3.42 2.25 2.64
CA ALA A 162 -4.06 1.83 1.41
C ALA A 162 -3.47 0.44 1.03
N GLY A 163 -2.18 0.27 1.26
CA GLY A 163 -1.54 -1.02 0.96
C GLY A 163 -2.19 -2.15 1.73
N LEU A 164 -2.60 -1.88 2.96
CA LEU A 164 -3.26 -2.92 3.76
C LEU A 164 -4.57 -3.42 3.19
N ILE A 165 -5.19 -2.59 2.34
CA ILE A 165 -6.43 -2.98 1.72
C ILE A 165 -6.13 -4.03 0.64
N GLY A 166 -5.06 -3.83 -0.14
CA GLY A 166 -4.65 -4.80 -1.15
C GLY A 166 -4.25 -6.08 -0.44
N PHE A 167 -3.52 -5.92 0.66
CA PHE A 167 -3.14 -7.06 1.50
C PHE A 167 -4.38 -7.85 1.94
N THR A 168 -5.36 -7.13 2.46
CA THR A 168 -6.59 -7.74 2.95
C THR A 168 -7.35 -8.49 1.87
N LYS A 169 -7.56 -7.85 0.71
CA LYS A 169 -8.31 -8.51 -0.36
C LYS A 169 -7.60 -9.69 -0.98
N SER A 170 -6.29 -9.62 -1.14
CA SER A 170 -5.52 -10.74 -1.69
C SER A 170 -5.47 -11.91 -0.74
N LEU A 171 -5.19 -11.61 0.52
CA LEU A 171 -5.09 -12.68 1.51
C LEU A 171 -6.46 -13.31 1.74
N ALA A 172 -7.51 -12.50 1.69
CA ALA A 172 -8.85 -13.05 1.88
C ALA A 172 -9.11 -14.08 0.77
N LYS A 173 -8.74 -13.76 -0.44
CA LYS A 173 -8.96 -14.73 -1.53
C LYS A 173 -8.20 -16.04 -1.33
N GLU A 174 -6.95 -15.95 -0.91
CA GLU A 174 -6.14 -17.15 -0.69
C GLU A 174 -6.61 -18.03 0.45
N LEU A 175 -7.08 -17.39 1.51
CA LEU A 175 -7.52 -18.14 2.67
C LEU A 175 -8.98 -18.52 2.73
N ALA A 176 -9.78 -17.96 1.83
CA ALA A 176 -11.21 -18.24 1.81
C ALA A 176 -11.56 -19.73 1.77
N PRO A 177 -10.81 -20.53 0.98
CA PRO A 177 -11.11 -21.98 0.89
C PRO A 177 -10.96 -22.71 2.21
N ARG A 178 -10.25 -22.09 3.15
CA ARG A 178 -10.00 -22.61 4.50
C ARG A 178 -10.89 -21.97 5.56
N ASN A 179 -11.82 -21.14 5.11
CA ASN A 179 -12.75 -20.45 6.02
C ASN A 179 -12.01 -19.57 7.04
N VAL A 180 -10.96 -18.89 6.61
CA VAL A 180 -10.23 -17.98 7.48
C VAL A 180 -10.58 -16.64 6.80
N LEU A 181 -11.31 -15.79 7.52
CA LEU A 181 -11.77 -14.52 6.93
C LEU A 181 -10.82 -13.38 7.25
N VAL A 182 -10.51 -12.56 6.23
CA VAL A 182 -9.57 -11.49 6.39
C VAL A 182 -10.28 -10.22 5.99
N ASN A 183 -10.34 -9.29 6.93
CA ASN A 183 -11.04 -8.02 6.71
C ASN A 183 -10.26 -6.86 7.28
N ALA A 184 -10.75 -5.64 7.01
CA ALA A 184 -10.05 -4.44 7.52
C ALA A 184 -11.10 -3.53 8.13
N VAL A 185 -10.67 -2.75 9.11
CA VAL A 185 -11.54 -1.76 9.72
C VAL A 185 -10.78 -0.46 9.48
N ALA A 186 -11.47 0.58 8.96
CA ALA A 186 -10.79 1.87 8.69
C ALA A 186 -11.39 2.97 9.57
N PRO A 187 -10.77 3.20 10.71
CA PRO A 187 -11.32 4.23 11.58
C PRO A 187 -11.09 5.63 11.00
N GLY A 188 -11.93 6.56 11.42
CA GLY A 188 -11.75 7.94 11.01
C GLY A 188 -10.99 8.62 12.14
N PHE A 189 -11.56 9.69 12.70
CA PHE A 189 -10.92 10.46 13.79
C PHE A 189 -11.42 9.94 15.11
N ILE A 190 -10.52 9.28 15.85
CA ILE A 190 -10.85 8.63 17.11
C ILE A 190 -10.13 9.33 18.27
N GLU A 191 -10.85 9.52 19.35
CA GLU A 191 -10.27 10.19 20.52
C GLU A 191 -9.49 9.23 21.42
N THR A 192 -8.19 9.49 21.58
CA THR A 192 -7.34 8.70 22.45
C THR A 192 -6.70 9.72 23.43
N ASP A 193 -5.90 9.29 24.41
CA ASP A 193 -5.35 10.32 25.29
C ASP A 193 -4.39 11.22 24.54
N MET A 194 -3.89 10.76 23.39
CA MET A 194 -2.99 11.59 22.60
C MET A 194 -3.72 12.78 21.98
N THR A 195 -5.02 12.65 21.82
CA THR A 195 -5.81 13.73 21.23
C THR A 195 -5.72 14.96 22.16
N ALA A 196 -5.25 14.73 23.38
CA ALA A 196 -5.13 15.79 24.37
C ALA A 196 -4.12 16.89 24.01
N VAL A 197 -3.16 16.60 23.14
CA VAL A 197 -2.17 17.59 22.77
C VAL A 197 -2.61 18.51 21.61
N LEU A 198 -3.83 18.31 21.12
CA LEU A 198 -4.29 19.14 20.02
C LEU A 198 -4.99 20.38 20.59
N SER A 199 -4.85 21.52 19.90
CA SER A 199 -5.49 22.76 20.34
C SER A 199 -6.99 22.62 20.08
N GLU A 200 -7.79 23.25 20.93
CA GLU A 200 -9.24 23.24 20.78
C GLU A 200 -9.64 23.65 19.39
N GLU A 201 -8.87 24.57 18.84
CA GLU A 201 -9.11 25.09 17.52
C GLU A 201 -8.93 24.02 16.43
N ILE A 202 -7.82 23.31 16.45
CA ILE A 202 -7.56 22.26 15.47
C ILE A 202 -8.61 21.16 15.58
N LYS A 203 -9.00 20.82 16.80
CA LYS A 203 -9.98 19.77 17.04
C LYS A 203 -11.36 20.09 16.46
N GLN A 204 -11.78 21.35 16.59
CA GLN A 204 -13.07 21.76 16.07
C GLN A 204 -13.02 21.72 14.56
N LYS A 205 -11.83 22.01 14.04
CA LYS A 205 -11.60 21.99 12.60
C LYS A 205 -11.82 20.54 12.15
N TYR A 206 -11.20 19.58 12.83
CA TYR A 206 -11.36 18.17 12.45
C TYR A 206 -12.81 17.71 12.59
N LYS A 207 -13.46 18.10 13.69
CA LYS A 207 -14.84 17.70 13.92
C LYS A 207 -15.77 18.21 12.84
N GLU A 208 -15.42 19.33 12.23
CA GLU A 208 -16.24 19.91 11.20
C GLU A 208 -16.28 18.98 10.00
N GLN A 209 -15.28 18.13 9.85
CA GLN A 209 -15.24 17.18 8.74
C GLN A 209 -16.10 15.97 9.04
N ILE A 210 -16.62 15.88 10.26
CA ILE A 210 -17.41 14.71 10.68
C ILE A 210 -18.91 14.95 10.80
N PRO A 211 -19.73 14.29 9.97
CA PRO A 211 -21.18 14.51 10.08
C PRO A 211 -21.76 14.27 11.47
N LEU A 212 -21.31 13.23 12.18
CA LEU A 212 -21.86 12.99 13.51
C LEU A 212 -21.42 14.11 14.51
N GLY A 213 -20.45 14.93 14.10
CA GLY A 213 -19.98 16.06 14.91
C GLY A 213 -19.18 15.74 16.15
N ARG A 214 -18.63 14.54 16.20
CA ARG A 214 -17.87 14.10 17.35
C ARG A 214 -16.83 13.09 16.89
N PHE A 215 -15.79 12.91 17.70
CA PHE A 215 -14.75 11.93 17.43
C PHE A 215 -15.34 10.61 17.89
N GLY A 216 -14.85 9.47 17.39
CA GLY A 216 -15.41 8.23 17.87
C GLY A 216 -14.57 7.81 19.06
N SER A 217 -15.05 6.88 19.86
CA SER A 217 -14.24 6.44 20.98
C SER A 217 -13.49 5.16 20.57
N PRO A 218 -12.40 4.84 21.27
CA PRO A 218 -11.67 3.61 20.94
C PRO A 218 -12.61 2.40 21.03
N GLU A 219 -13.52 2.44 22.00
CA GLU A 219 -14.46 1.34 22.16
C GLU A 219 -15.37 1.16 20.94
N GLU A 220 -15.77 2.26 20.30
CA GLU A 220 -16.61 2.18 19.09
C GLU A 220 -15.82 1.49 17.97
N VAL A 221 -14.49 1.66 17.94
CA VAL A 221 -13.71 0.95 16.93
C VAL A 221 -13.61 -0.52 17.35
N ALA A 222 -13.35 -0.75 18.63
CA ALA A 222 -13.23 -2.12 19.13
C ALA A 222 -14.50 -2.91 18.88
N ASN A 223 -15.65 -2.27 19.00
CA ASN A 223 -16.93 -2.95 18.73
C ASN A 223 -17.05 -3.51 17.32
N VAL A 224 -16.51 -2.79 16.36
CA VAL A 224 -16.57 -3.25 14.98
C VAL A 224 -15.61 -4.42 14.79
N VAL A 225 -14.43 -4.34 15.43
CA VAL A 225 -13.50 -5.48 15.38
C VAL A 225 -14.18 -6.71 15.99
N LEU A 226 -14.83 -6.51 17.13
CA LEU A 226 -15.55 -7.63 17.77
C LEU A 226 -16.57 -8.24 16.79
N PHE A 227 -17.34 -7.39 16.12
CA PHE A 227 -18.30 -7.89 15.15
C PHE A 227 -17.61 -8.78 14.10
N LEU A 228 -16.48 -8.33 13.56
CA LEU A 228 -15.81 -9.14 12.55
C LEU A 228 -15.29 -10.46 13.10
N CYS A 229 -15.08 -10.56 14.41
CA CYS A 229 -14.59 -11.82 15.01
C CYS A 229 -15.72 -12.72 15.43
N SER A 230 -16.95 -12.22 15.28
CA SER A 230 -18.15 -12.92 15.73
C SER A 230 -18.82 -13.80 14.68
N GLU A 231 -19.85 -14.52 15.11
CA GLU A 231 -20.54 -15.38 14.16
C GLU A 231 -21.43 -14.58 13.21
N LEU A 232 -21.62 -13.31 13.53
CA LEU A 232 -22.41 -12.43 12.72
C LEU A 232 -21.71 -12.00 11.41
N ALA A 233 -20.41 -12.25 11.29
CA ALA A 233 -19.65 -11.80 10.12
C ALA A 233 -19.12 -13.00 9.32
N SER A 234 -19.79 -14.15 9.47
CA SER A 234 -19.34 -15.38 8.80
C SER A 234 -19.33 -15.32 7.25
N TYR A 235 -20.07 -14.40 6.63
CA TYR A 235 -20.03 -14.34 5.17
C TYR A 235 -19.28 -13.11 4.65
N ILE A 236 -18.55 -12.45 5.52
CA ILE A 236 -17.78 -11.28 5.13
C ILE A 236 -16.27 -11.58 5.05
N THR A 237 -15.66 -11.36 3.88
CA THR A 237 -14.22 -11.51 3.81
C THR A 237 -13.76 -10.66 2.65
N GLY A 238 -12.55 -10.08 2.81
CA GLY A 238 -11.99 -9.22 1.76
C GLY A 238 -12.63 -7.83 1.79
N GLU A 239 -13.29 -7.51 2.90
CA GLU A 239 -14.01 -6.23 3.00
C GLU A 239 -13.37 -5.24 3.97
N VAL A 240 -13.65 -3.95 3.77
CA VAL A 240 -13.17 -2.92 4.68
C VAL A 240 -14.40 -2.29 5.30
N ILE A 241 -14.43 -2.12 6.61
CA ILE A 241 -15.59 -1.47 7.22
C ILE A 241 -15.06 -0.13 7.75
N HIS A 242 -15.65 0.96 7.23
CA HIS A 242 -15.22 2.30 7.64
C HIS A 242 -15.98 2.66 8.88
N VAL A 243 -15.27 3.22 9.86
CA VAL A 243 -15.90 3.57 11.15
C VAL A 243 -15.42 4.99 11.37
N ASN A 244 -16.11 5.93 10.74
CA ASN A 244 -15.63 7.30 10.76
C ASN A 244 -16.68 8.36 10.91
N GLY A 245 -17.84 8.00 11.44
CA GLY A 245 -18.88 8.99 11.66
C GLY A 245 -19.49 9.68 10.47
N GLY A 246 -19.30 9.12 9.28
CA GLY A 246 -19.89 9.67 8.07
C GLY A 246 -18.94 10.51 7.24
N MET A 247 -17.68 10.55 7.66
CA MET A 247 -16.67 11.35 6.96
C MET A 247 -16.30 10.87 5.56
N PHE A 248 -16.41 9.57 5.32
CA PHE A 248 -16.04 9.03 4.03
C PHE A 248 -16.89 7.79 3.76
N MET B 1 -7.05 19.55 -32.73
CA MET B 1 -6.69 19.11 -31.35
C MET B 1 -5.45 18.23 -31.41
N GLU B 2 -4.32 18.82 -31.03
CA GLU B 2 -3.00 18.18 -31.04
C GLU B 2 -2.49 18.06 -29.60
N ILE B 3 -1.86 16.93 -29.24
CA ILE B 3 -1.26 16.79 -27.90
C ILE B 3 0.23 16.88 -28.20
N LYS B 4 0.87 17.92 -27.73
CA LYS B 4 2.28 18.09 -28.00
C LYS B 4 3.04 18.33 -26.71
N LEU B 5 4.19 17.68 -26.62
CA LEU B 5 5.04 17.78 -25.44
C LEU B 5 6.46 18.31 -25.81
N GLN B 6 6.61 18.93 -26.98
CA GLN B 6 7.94 19.45 -27.33
C GLN B 6 8.41 20.42 -26.25
N GLY B 7 9.65 20.26 -25.83
CA GLY B 7 10.24 21.11 -24.82
C GLY B 7 10.12 20.50 -23.43
N LYS B 8 9.31 19.45 -23.31
CA LYS B 8 9.14 18.84 -21.98
C LYS B 8 10.11 17.67 -21.88
N VAL B 9 10.47 17.29 -20.66
CA VAL B 9 11.38 16.18 -20.41
C VAL B 9 10.61 15.17 -19.53
N SER B 10 10.53 13.92 -20.00
CA SER B 10 9.82 12.85 -19.29
C SER B 10 10.76 11.74 -18.85
N LEU B 11 10.69 11.35 -17.57
CA LEU B 11 11.49 10.25 -17.05
C LEU B 11 10.52 9.09 -16.93
N VAL B 12 10.82 7.95 -17.56
CA VAL B 12 9.92 6.79 -17.46
C VAL B 12 10.81 5.66 -16.88
N THR B 13 10.54 5.22 -15.67
CA THR B 13 11.41 4.19 -15.09
C THR B 13 11.03 2.83 -15.62
N GLY B 14 12.04 1.94 -15.74
CA GLY B 14 11.77 0.59 -16.23
C GLY B 14 11.21 0.58 -17.61
N SER B 15 11.86 1.32 -18.50
CA SER B 15 11.33 1.49 -19.85
C SER B 15 12.12 0.85 -20.96
N THR B 16 12.94 -0.15 -20.63
CA THR B 16 13.72 -0.78 -21.67
C THR B 16 12.86 -1.77 -22.42
N ARG B 17 11.68 -2.09 -21.88
CA ARG B 17 10.79 -3.01 -22.56
C ARG B 17 9.39 -2.94 -21.99
N GLY B 18 8.49 -3.72 -22.59
CA GLY B 18 7.12 -3.79 -22.09
C GLY B 18 6.33 -2.49 -22.08
N ILE B 19 5.49 -2.33 -21.04
CA ILE B 19 4.66 -1.16 -20.93
C ILE B 19 5.50 0.08 -20.80
N GLY B 20 6.61 -0.03 -20.05
CA GLY B 20 7.51 1.10 -19.83
C GLY B 20 8.03 1.64 -21.14
N ARG B 21 8.46 0.73 -21.99
CA ARG B 21 8.98 1.18 -23.29
C ARG B 21 7.88 1.81 -24.14
N ALA B 22 6.68 1.21 -24.15
CA ALA B 22 5.58 1.74 -24.93
C ALA B 22 5.25 3.17 -24.41
N ILE B 23 5.29 3.33 -23.10
CA ILE B 23 5.03 4.68 -22.56
C ILE B 23 6.08 5.67 -23.05
N ALA B 24 7.35 5.32 -22.94
CA ALA B 24 8.42 6.23 -23.37
C ALA B 24 8.28 6.58 -24.87
N GLU B 25 7.96 5.57 -25.70
CA GLU B 25 7.81 5.83 -27.14
C GLU B 25 6.60 6.73 -27.41
N LYS B 26 5.55 6.53 -26.63
CA LYS B 26 4.34 7.32 -26.84
C LYS B 26 4.62 8.76 -26.52
N LEU B 27 5.30 9.02 -25.39
CA LEU B 27 5.64 10.39 -25.01
C LEU B 27 6.60 11.00 -26.05
N ALA B 28 7.54 10.20 -26.55
CA ALA B 28 8.45 10.69 -27.59
C ALA B 28 7.67 11.03 -28.86
N SER B 29 6.63 10.25 -29.18
CA SER B 29 5.87 10.48 -30.40
C SER B 29 5.08 11.80 -30.29
N ALA B 30 4.90 12.31 -29.09
CA ALA B 30 4.19 13.58 -28.88
C ALA B 30 5.19 14.72 -28.80
N GLY B 31 6.47 14.36 -28.97
CA GLY B 31 7.56 15.33 -28.93
C GLY B 31 8.35 15.48 -27.66
N SER B 32 8.06 14.67 -26.64
CA SER B 32 8.81 14.81 -25.41
C SER B 32 10.24 14.31 -25.49
N THR B 33 11.14 14.99 -24.77
CA THR B 33 12.50 14.46 -24.59
C THR B 33 12.25 13.29 -23.60
N VAL B 34 12.93 12.15 -23.77
CA VAL B 34 12.71 11.05 -22.83
C VAL B 34 13.97 10.50 -22.17
N ILE B 35 13.81 10.03 -20.93
CA ILE B 35 14.89 9.40 -20.17
C ILE B 35 14.42 7.99 -19.88
N ILE B 36 15.18 7.02 -20.38
CA ILE B 36 14.90 5.60 -20.27
C ILE B 36 15.77 5.07 -19.14
N THR B 37 15.20 4.23 -18.28
CA THR B 37 15.99 3.64 -17.22
C THR B 37 15.81 2.12 -17.23
N GLY B 38 16.84 1.42 -16.77
CA GLY B 38 16.75 -0.02 -16.69
C GLY B 38 17.81 -0.50 -15.72
N THR B 39 17.73 -1.75 -15.30
CA THR B 39 18.76 -2.25 -14.40
C THR B 39 20.09 -2.33 -15.17
N SER B 40 20.02 -2.35 -16.49
CA SER B 40 21.24 -2.38 -17.32
C SER B 40 21.39 -1.05 -18.01
N GLY B 41 22.40 -0.28 -17.62
CA GLY B 41 22.61 1.02 -18.23
C GLY B 41 22.86 0.92 -19.72
N GLU B 42 23.53 -0.16 -20.10
CA GLU B 42 23.86 -0.40 -21.49
C GLU B 42 22.59 -0.59 -22.29
N ARG B 43 21.67 -1.35 -21.71
CA ARG B 43 20.40 -1.64 -22.32
C ARG B 43 19.55 -0.36 -22.42
N ALA B 44 19.54 0.45 -21.36
CA ALA B 44 18.78 1.69 -21.35
C ALA B 44 19.32 2.65 -22.42
N LYS B 45 20.65 2.75 -22.55
CA LYS B 45 21.20 3.67 -23.55
C LYS B 45 20.91 3.17 -24.95
N ALA B 46 20.87 1.86 -25.12
CA ALA B 46 20.59 1.31 -26.44
C ALA B 46 19.14 1.62 -26.83
N VAL B 47 18.22 1.41 -25.88
CA VAL B 47 16.82 1.66 -26.15
C VAL B 47 16.63 3.13 -26.40
N ALA B 48 17.30 3.96 -25.63
CA ALA B 48 17.14 5.39 -25.83
C ALA B 48 17.54 5.75 -27.26
N GLU B 49 18.63 5.14 -27.73
CA GLU B 49 19.11 5.44 -29.08
C GLU B 49 18.09 4.99 -30.13
N GLU B 50 17.48 3.81 -29.97
CA GLU B 50 16.49 3.35 -30.92
C GLU B 50 15.28 4.29 -30.96
N ILE B 51 14.83 4.72 -29.79
CA ILE B 51 13.70 5.64 -29.73
C ILE B 51 14.09 6.96 -30.36
N ALA B 52 15.31 7.43 -30.10
CA ALA B 52 15.73 8.69 -30.68
C ALA B 52 15.76 8.61 -32.20
N ASN B 53 16.20 7.48 -32.74
CA ASN B 53 16.26 7.34 -34.20
C ASN B 53 14.88 7.21 -34.84
N LYS B 54 13.98 6.53 -34.14
CA LYS B 54 12.65 6.33 -34.66
C LYS B 54 11.78 7.60 -34.64
N TYR B 55 11.85 8.40 -33.59
CA TYR B 55 11.00 9.58 -33.46
C TYR B 55 11.71 10.89 -33.65
N GLY B 56 13.04 10.87 -33.61
CA GLY B 56 13.85 12.07 -33.76
C GLY B 56 13.93 12.93 -32.51
N VAL B 57 13.68 12.37 -31.33
CA VAL B 57 13.76 13.18 -30.11
C VAL B 57 15.07 12.99 -29.37
N LYS B 58 15.33 13.90 -28.46
CA LYS B 58 16.49 13.87 -27.59
C LYS B 58 16.11 12.81 -26.58
N ALA B 59 16.95 11.79 -26.45
CA ALA B 59 16.70 10.69 -25.51
C ALA B 59 17.99 10.29 -24.82
N HIS B 60 17.88 9.88 -23.57
CA HIS B 60 19.03 9.48 -22.76
C HIS B 60 18.67 8.20 -22.03
N GLY B 61 19.64 7.33 -21.84
CA GLY B 61 19.37 6.10 -21.10
C GLY B 61 20.26 6.10 -19.87
N VAL B 62 19.75 5.67 -18.72
CA VAL B 62 20.58 5.64 -17.51
C VAL B 62 20.29 4.37 -16.74
N GLU B 63 21.29 3.86 -16.03
CA GLU B 63 21.10 2.65 -15.24
C GLU B 63 20.46 3.08 -13.93
N MET B 64 19.41 2.37 -13.51
CA MET B 64 18.78 2.71 -12.24
C MET B 64 18.23 1.45 -11.61
N ASN B 65 18.79 1.03 -10.49
CA ASN B 65 18.25 -0.16 -9.87
C ASN B 65 17.47 0.34 -8.66
N LEU B 66 16.15 0.20 -8.70
CA LEU B 66 15.33 0.78 -7.65
C LEU B 66 15.53 0.18 -6.28
N LEU B 67 16.17 -0.97 -6.24
CA LEU B 67 16.44 -1.64 -4.97
C LEU B 67 17.58 -0.89 -4.26
N SER B 68 18.39 -0.19 -5.05
CA SER B 68 19.57 0.52 -4.51
C SER B 68 19.53 2.01 -4.48
N GLU B 69 19.54 2.58 -3.28
CA GLU B 69 19.53 4.02 -3.17
C GLU B 69 20.75 4.68 -3.83
N GLU B 70 21.89 3.99 -3.81
CA GLU B 70 23.10 4.56 -4.40
C GLU B 70 22.92 4.64 -5.90
N SER B 71 22.38 3.57 -6.48
CA SER B 71 22.12 3.52 -7.93
C SER B 71 21.19 4.68 -8.30
N ILE B 72 20.10 4.84 -7.56
CA ILE B 72 19.18 5.94 -7.81
C ILE B 72 19.88 7.29 -7.79
N ASN B 73 20.61 7.58 -6.72
CA ASN B 73 21.32 8.85 -6.67
C ASN B 73 22.30 9.09 -7.82
N LYS B 74 23.02 8.04 -8.19
CA LYS B 74 23.98 8.14 -9.27
C LYS B 74 23.25 8.39 -10.59
N ALA B 75 22.08 7.79 -10.75
CA ALA B 75 21.31 7.99 -11.97
C ALA B 75 20.86 9.45 -12.03
N PHE B 76 20.37 9.98 -10.92
CA PHE B 76 19.91 11.37 -10.94
C PHE B 76 21.05 12.37 -11.11
N GLU B 77 22.24 12.01 -10.64
CA GLU B 77 23.36 12.93 -10.82
C GLU B 77 23.62 13.01 -12.33
N GLU B 78 23.57 11.87 -13.00
CA GLU B 78 23.78 11.85 -14.45
C GLU B 78 22.65 12.61 -15.17
N ILE B 79 21.41 12.35 -14.78
CA ILE B 79 20.27 13.03 -15.39
C ILE B 79 20.36 14.55 -15.31
N TYR B 80 20.67 15.09 -14.14
CA TYR B 80 20.73 16.53 -14.02
C TYR B 80 21.93 17.16 -14.72
N ASN B 81 22.82 16.32 -15.23
CA ASN B 81 23.97 16.81 -15.97
C ASN B 81 23.63 16.74 -17.46
N LEU B 82 22.46 16.18 -17.77
CA LEU B 82 22.04 16.03 -19.15
C LEU B 82 20.80 16.85 -19.51
N VAL B 83 20.04 17.16 -18.48
CA VAL B 83 18.79 17.82 -18.69
C VAL B 83 18.65 18.88 -17.62
N ASP B 84 17.95 19.93 -17.95
CA ASP B 84 17.71 21.02 -17.02
C ASP B 84 16.89 20.52 -15.81
N GLY B 85 16.01 19.57 -16.09
CA GLY B 85 15.15 19.04 -15.04
C GLY B 85 14.04 18.22 -15.67
N ILE B 86 13.19 17.66 -14.81
CA ILE B 86 12.11 16.78 -15.23
C ILE B 86 10.73 17.43 -15.08
N ASP B 87 9.94 17.38 -16.15
CA ASP B 87 8.60 17.94 -16.16
C ASP B 87 7.56 16.86 -15.93
N ILE B 88 7.88 15.66 -16.41
CA ILE B 88 6.97 14.53 -16.34
C ILE B 88 7.69 13.29 -15.80
N LEU B 89 7.09 12.64 -14.81
CA LEU B 89 7.66 11.42 -14.26
C LEU B 89 6.64 10.31 -14.37
N VAL B 90 7.01 9.18 -14.95
CA VAL B 90 6.09 8.05 -15.00
C VAL B 90 6.78 6.95 -14.17
N ASN B 91 6.19 6.61 -13.03
CA ASN B 91 6.73 5.59 -12.15
C ASN B 91 6.16 4.27 -12.60
N ASN B 92 6.90 3.67 -13.54
CA ASN B 92 6.50 2.40 -14.12
C ASN B 92 7.27 1.16 -13.61
N ALA B 93 8.53 1.35 -13.20
CA ALA B 93 9.35 0.20 -12.79
C ALA B 93 8.69 -0.52 -11.60
N GLY B 94 8.71 -1.85 -11.65
CA GLY B 94 8.12 -2.64 -10.59
C GLY B 94 8.43 -4.10 -10.82
N ILE B 95 8.35 -4.88 -9.76
CA ILE B 95 8.60 -6.30 -9.91
C ILE B 95 7.53 -7.09 -9.22
N THR B 96 7.49 -8.40 -9.52
CA THR B 96 6.60 -9.36 -8.86
C THR B 96 7.52 -10.48 -8.34
N ARG B 97 7.09 -11.15 -7.27
CA ARG B 97 7.78 -12.28 -6.68
C ARG B 97 6.58 -13.07 -6.21
N ASP B 98 5.91 -13.72 -7.17
CA ASP B 98 4.67 -14.43 -6.89
C ASP B 98 4.88 -15.68 -6.08
N LYS B 99 4.11 -15.79 -5.00
CA LYS B 99 4.17 -16.94 -4.09
C LYS B 99 2.87 -16.97 -3.33
N LEU B 100 2.37 -18.16 -3.00
CA LEU B 100 1.17 -18.22 -2.17
C LEU B 100 1.67 -17.65 -0.83
N PHE B 101 0.79 -16.97 -0.10
CA PHE B 101 1.17 -16.33 1.15
C PHE B 101 1.88 -17.27 2.12
N LEU B 102 1.35 -18.46 2.28
CA LEU B 102 1.92 -19.43 3.19
C LEU B 102 3.30 -19.89 2.73
N ARG B 103 3.64 -19.60 1.48
CA ARG B 103 4.95 -19.98 0.94
C ARG B 103 5.82 -18.75 0.69
N MET B 104 5.40 -17.58 1.14
CA MET B 104 6.18 -16.37 0.86
C MET B 104 7.29 -16.07 1.84
N SER B 105 8.51 -15.86 1.34
CA SER B 105 9.63 -15.57 2.22
C SER B 105 9.68 -14.09 2.52
N LEU B 106 10.38 -13.71 3.59
CA LEU B 106 10.52 -12.30 3.93
C LEU B 106 11.17 -11.55 2.76
N LEU B 107 12.14 -12.15 2.07
CA LEU B 107 12.72 -11.44 0.95
C LEU B 107 11.71 -11.32 -0.22
N ASP B 108 10.87 -12.34 -0.45
CA ASP B 108 9.88 -12.28 -1.52
C ASP B 108 9.01 -11.04 -1.23
N TRP B 109 8.72 -10.84 0.04
CA TRP B 109 7.92 -9.69 0.43
C TRP B 109 8.67 -8.36 0.41
N GLU B 110 9.81 -8.31 1.08
CA GLU B 110 10.56 -7.06 1.22
C GLU B 110 11.12 -6.51 -0.08
N GLU B 111 11.53 -7.39 -0.99
CA GLU B 111 12.08 -6.91 -2.24
C GLU B 111 11.02 -6.21 -3.07
N VAL B 112 9.83 -6.79 -3.11
CA VAL B 112 8.70 -6.24 -3.86
C VAL B 112 8.31 -4.88 -3.27
N LEU B 113 8.25 -4.77 -1.95
CA LEU B 113 7.95 -3.45 -1.38
C LEU B 113 9.08 -2.45 -1.60
N LYS B 114 10.34 -2.90 -1.49
CA LYS B 114 11.45 -1.97 -1.64
C LYS B 114 11.55 -1.37 -3.03
N VAL B 115 11.28 -2.19 -4.03
CA VAL B 115 11.32 -1.69 -5.39
C VAL B 115 10.06 -0.89 -5.70
N ASN B 116 8.89 -1.52 -5.51
CA ASN B 116 7.62 -0.89 -5.94
C ASN B 116 7.14 0.35 -5.17
N LEU B 117 7.43 0.38 -3.89
CA LEU B 117 7.02 1.54 -3.08
C LEU B 117 8.20 2.44 -2.76
N THR B 118 9.26 1.88 -2.15
CA THR B 118 10.38 2.70 -1.74
C THR B 118 11.17 3.25 -2.93
N GLY B 119 11.36 2.43 -3.97
CA GLY B 119 12.05 2.94 -5.16
C GLY B 119 11.23 4.06 -5.80
N THR B 120 9.92 3.85 -5.89
CA THR B 120 9.05 4.88 -6.43
C THR B 120 9.16 6.17 -5.57
N PHE B 121 9.17 6.00 -4.25
CA PHE B 121 9.31 7.17 -3.34
C PHE B 121 10.56 7.99 -3.66
N LEU B 122 11.70 7.31 -3.69
CA LEU B 122 12.98 7.99 -3.96
C LEU B 122 13.04 8.63 -5.36
N VAL B 123 12.55 7.94 -6.38
CA VAL B 123 12.59 8.50 -7.73
C VAL B 123 11.74 9.77 -7.79
N THR B 124 10.60 9.73 -7.12
CA THR B 124 9.69 10.86 -7.14
C THR B 124 10.33 12.03 -6.41
N GLN B 125 10.85 11.79 -5.20
CA GLN B 125 11.50 12.89 -4.47
C GLN B 125 12.59 13.59 -5.31
N ASN B 126 13.32 12.81 -6.08
CA ASN B 126 14.40 13.33 -6.92
C ASN B 126 13.97 14.01 -8.20
N SER B 127 12.70 13.85 -8.59
CA SER B 127 12.22 14.41 -9.85
C SER B 127 11.37 15.66 -9.72
N LEU B 128 11.08 16.09 -8.49
CA LEU B 128 10.18 17.24 -8.30
C LEU B 128 10.65 18.69 -8.51
N ARG B 129 11.96 18.91 -8.34
CA ARG B 129 12.54 20.24 -8.41
C ARG B 129 12.02 21.18 -9.50
N LYS B 130 12.16 20.78 -10.75
CA LYS B 130 11.70 21.67 -11.80
C LYS B 130 10.18 21.85 -11.82
N MET B 131 9.44 20.78 -11.53
CA MET B 131 7.98 20.88 -11.52
C MET B 131 7.50 21.92 -10.53
N ILE B 132 8.02 21.85 -9.32
CA ILE B 132 7.63 22.74 -8.27
C ILE B 132 7.99 24.21 -8.58
N LYS B 133 9.22 24.43 -9.00
CA LYS B 133 9.68 25.78 -9.30
C LYS B 133 8.86 26.45 -10.40
N GLN B 134 8.46 25.68 -11.41
CA GLN B 134 7.69 26.24 -12.53
C GLN B 134 6.16 26.13 -12.41
N ARG B 135 5.66 25.49 -11.35
CA ARG B 135 4.24 25.33 -11.14
C ARG B 135 3.54 24.58 -12.27
N TRP B 136 4.20 23.52 -12.71
CA TRP B 136 3.61 22.64 -13.73
C TRP B 136 4.41 21.35 -13.63
N GLY B 137 3.69 20.24 -13.53
CA GLY B 137 4.39 18.96 -13.49
C GLY B 137 3.34 17.87 -13.51
N ARG B 138 3.73 16.67 -13.98
CA ARG B 138 2.77 15.55 -14.02
C ARG B 138 3.51 14.31 -13.54
N ILE B 139 2.94 13.62 -12.56
CA ILE B 139 3.55 12.40 -12.05
C ILE B 139 2.49 11.29 -12.28
N VAL B 140 2.83 10.23 -13.01
CA VAL B 140 1.85 9.18 -13.25
C VAL B 140 2.42 7.89 -12.67
N ASN B 141 1.65 7.27 -11.77
CA ASN B 141 2.07 6.06 -11.11
C ASN B 141 1.35 4.89 -11.73
N ILE B 142 2.11 3.88 -12.12
CA ILE B 142 1.48 2.73 -12.72
C ILE B 142 1.14 1.71 -11.61
N SER B 143 -0.15 1.55 -11.37
CA SER B 143 -0.65 0.62 -10.35
C SER B 143 -1.07 -0.62 -11.13
N SER B 144 -2.17 -1.25 -10.71
CA SER B 144 -2.67 -2.44 -11.40
C SER B 144 -4.04 -2.82 -10.87
N VAL B 145 -4.89 -3.37 -11.74
CA VAL B 145 -6.18 -3.80 -11.28
C VAL B 145 -6.04 -4.74 -10.05
N VAL B 146 -4.94 -5.49 -9.89
CA VAL B 146 -4.93 -6.40 -8.72
C VAL B 146 -4.75 -5.67 -7.39
N GLY B 147 -4.32 -4.43 -7.45
CA GLY B 147 -4.22 -3.67 -6.22
C GLY B 147 -5.66 -3.39 -5.75
N PHE B 148 -6.63 -3.52 -6.64
CA PHE B 148 -8.03 -3.25 -6.30
C PHE B 148 -8.87 -4.47 -5.98
N THR B 149 -8.64 -5.53 -6.73
CA THR B 149 -9.39 -6.77 -6.58
C THR B 149 -8.69 -7.76 -5.65
N GLY B 150 -7.38 -7.59 -5.56
CA GLY B 150 -6.53 -8.51 -4.84
C GLY B 150 -6.30 -9.66 -5.83
N ASN B 151 -5.33 -10.53 -5.57
CA ASN B 151 -5.10 -11.66 -6.47
C ASN B 151 -4.31 -12.78 -5.75
N VAL B 152 -4.74 -14.03 -5.92
CA VAL B 152 -4.06 -15.18 -5.33
C VAL B 152 -2.60 -15.27 -5.83
N GLY B 153 -1.67 -15.53 -4.91
CA GLY B 153 -0.28 -15.65 -5.28
C GLY B 153 0.42 -14.31 -5.34
N GLN B 154 -0.35 -13.24 -5.17
CA GLN B 154 0.20 -11.89 -5.26
C GLN B 154 -0.07 -10.99 -4.06
N VAL B 155 -0.04 -11.52 -2.85
CA VAL B 155 -0.31 -10.66 -1.71
C VAL B 155 0.71 -9.51 -1.60
N ASN B 156 1.99 -9.80 -1.92
CA ASN B 156 3.03 -8.75 -1.90
C ASN B 156 2.81 -7.70 -2.99
N TYR B 157 2.60 -8.16 -4.22
CA TYR B 157 2.42 -7.23 -5.34
C TYR B 157 1.14 -6.40 -5.15
N SER B 158 0.05 -7.05 -4.80
CA SER B 158 -1.22 -6.35 -4.61
C SER B 158 -1.11 -5.28 -3.50
N THR B 159 -0.38 -5.60 -2.43
CA THR B 159 -0.17 -4.63 -1.37
C THR B 159 0.52 -3.39 -1.97
N THR B 160 1.56 -3.60 -2.79
CA THR B 160 2.23 -2.44 -3.36
C THR B 160 1.35 -1.67 -4.36
N LYS B 161 0.57 -2.37 -5.17
CA LYS B 161 -0.23 -1.62 -6.15
C LYS B 161 -1.37 -0.83 -5.49
N ALA B 162 -1.89 -1.37 -4.38
CA ALA B 162 -2.92 -0.68 -3.60
C ALA B 162 -2.21 0.50 -2.88
N GLY B 163 -1.02 0.25 -2.36
CA GLY B 163 -0.26 1.30 -1.68
C GLY B 163 0.00 2.48 -2.60
N LEU B 164 0.29 2.22 -3.87
CA LEU B 164 0.55 3.35 -4.80
C LEU B 164 -0.67 4.29 -4.94
N ILE B 165 -1.86 3.78 -4.62
CA ILE B 165 -3.07 4.62 -4.69
C ILE B 165 -3.07 5.61 -3.52
N GLY B 166 -2.75 5.15 -2.31
CA GLY B 166 -2.68 6.04 -1.17
C GLY B 166 -1.54 7.04 -1.40
N PHE B 167 -0.43 6.56 -1.97
CA PHE B 167 0.70 7.43 -2.31
C PHE B 167 0.24 8.55 -3.28
N THR B 168 -0.48 8.14 -4.31
CA THR B 168 -0.98 9.06 -5.34
C THR B 168 -1.92 10.08 -4.73
N LYS B 169 -2.86 9.61 -3.93
CA LYS B 169 -3.86 10.54 -3.37
C LYS B 169 -3.26 11.54 -2.40
N SER B 170 -2.33 11.07 -1.55
CA SER B 170 -1.66 11.95 -0.58
C SER B 170 -0.72 12.93 -1.24
N LEU B 171 0.05 12.43 -2.20
CA LEU B 171 1.00 13.32 -2.85
C LEU B 171 0.25 14.38 -3.69
N ALA B 172 -0.86 13.97 -4.29
CA ALA B 172 -1.67 14.89 -5.08
C ALA B 172 -2.11 16.06 -4.18
N LYS B 173 -2.58 15.76 -2.98
CA LYS B 173 -2.97 16.83 -2.06
C LYS B 173 -1.83 17.77 -1.70
N GLU B 174 -0.65 17.22 -1.40
CA GLU B 174 0.49 18.09 -1.06
C GLU B 174 1.01 18.94 -2.21
N LEU B 175 0.91 18.44 -3.43
CA LEU B 175 1.47 19.21 -4.51
C LEU B 175 0.48 20.04 -5.30
N ALA B 176 -0.80 19.86 -5.03
CA ALA B 176 -1.84 20.54 -5.78
C ALA B 176 -1.68 22.06 -5.78
N PRO B 177 -1.27 22.64 -4.63
CA PRO B 177 -1.09 24.10 -4.61
C PRO B 177 -0.04 24.58 -5.59
N ARG B 178 0.86 23.68 -5.99
CA ARG B 178 1.91 24.02 -6.94
C ARG B 178 1.55 23.59 -8.37
N ASN B 179 0.31 23.15 -8.57
CA ASN B 179 -0.16 22.72 -9.88
C ASN B 179 0.65 21.54 -10.42
N VAL B 180 1.09 20.64 -9.53
CA VAL B 180 1.81 19.45 -9.99
C VAL B 180 0.77 18.34 -9.77
N LEU B 181 0.30 17.75 -10.87
CA LEU B 181 -0.77 16.75 -10.79
C LEU B 181 -0.21 15.33 -10.68
N VAL B 182 -0.80 14.55 -9.77
CA VAL B 182 -0.34 13.20 -9.46
C VAL B 182 -1.50 12.28 -9.62
N ASN B 183 -1.36 11.32 -10.56
CA ASN B 183 -2.45 10.40 -10.83
C ASN B 183 -1.88 8.99 -11.02
N ALA B 184 -2.75 8.00 -11.12
CA ALA B 184 -2.30 6.62 -11.34
C ALA B 184 -3.09 6.02 -12.51
N VAL B 185 -2.47 5.05 -13.13
CA VAL B 185 -3.14 4.32 -14.21
C VAL B 185 -3.08 2.88 -13.72
N ALA B 186 -4.22 2.18 -13.76
CA ALA B 186 -4.29 0.83 -13.24
C ALA B 186 -4.66 -0.09 -14.40
N PRO B 187 -3.65 -0.60 -15.11
CA PRO B 187 -3.91 -1.50 -16.24
C PRO B 187 -4.53 -2.79 -15.74
N GLY B 188 -5.29 -3.44 -16.63
CA GLY B 188 -5.88 -4.71 -16.34
C GLY B 188 -4.85 -5.72 -16.86
N PHE B 189 -5.29 -6.64 -17.72
CA PHE B 189 -4.43 -7.67 -18.32
C PHE B 189 -3.93 -7.20 -19.66
N ILE B 190 -2.65 -6.87 -19.71
CA ILE B 190 -2.03 -6.33 -20.91
C ILE B 190 -1.05 -7.35 -21.56
N GLU B 191 -1.13 -7.46 -22.87
CA GLU B 191 -0.28 -8.42 -23.57
C GLU B 191 1.12 -7.86 -23.83
N THR B 192 2.12 -8.46 -23.21
CA THR B 192 3.50 -8.05 -23.42
C THR B 192 4.30 -9.31 -23.85
N ASP B 193 5.62 -9.20 -23.97
CA ASP B 193 6.38 -10.38 -24.40
C ASP B 193 6.44 -11.41 -23.27
N MET B 194 6.14 -10.99 -22.05
CA MET B 194 6.13 -11.88 -20.87
C MET B 194 4.89 -12.73 -20.95
N THR B 195 3.98 -12.33 -21.82
CA THR B 195 2.73 -13.04 -21.90
C THR B 195 2.79 -14.37 -22.67
N ALA B 196 3.70 -14.44 -23.63
CA ALA B 196 3.84 -15.64 -24.44
C ALA B 196 4.26 -16.89 -23.65
N VAL B 197 4.79 -16.69 -22.44
CA VAL B 197 5.21 -17.85 -21.66
C VAL B 197 4.03 -18.51 -20.96
N LEU B 198 2.84 -17.93 -21.14
CA LEU B 198 1.63 -18.47 -20.56
C LEU B 198 0.99 -19.31 -21.68
N SER B 199 0.23 -20.34 -21.28
CA SER B 199 -0.47 -21.24 -22.22
C SER B 199 -1.53 -20.48 -23.01
N GLU B 200 -1.87 -20.94 -24.22
CA GLU B 200 -2.95 -20.26 -24.95
C GLU B 200 -4.12 -20.53 -24.00
N GLU B 201 -3.97 -21.63 -23.26
CA GLU B 201 -4.93 -22.14 -22.28
C GLU B 201 -5.28 -21.10 -21.22
N ILE B 202 -4.24 -20.76 -20.47
CA ILE B 202 -4.40 -19.82 -19.37
C ILE B 202 -4.68 -18.37 -19.80
N LYS B 203 -4.38 -18.07 -21.06
CA LYS B 203 -4.64 -16.75 -21.55
C LYS B 203 -6.13 -16.61 -21.88
N GLN B 204 -6.71 -17.63 -22.52
CA GLN B 204 -8.14 -17.58 -22.84
C GLN B 204 -8.93 -17.46 -21.55
N LYS B 205 -8.34 -18.03 -20.49
CA LYS B 205 -8.95 -18.00 -19.17
C LYS B 205 -9.09 -16.58 -18.70
N TYR B 206 -7.93 -15.92 -18.60
CA TYR B 206 -7.85 -14.54 -18.18
C TYR B 206 -8.79 -13.69 -19.00
N LYS B 207 -8.82 -13.93 -20.30
CA LYS B 207 -9.71 -13.18 -21.15
C LYS B 207 -11.16 -13.32 -20.68
N GLU B 208 -11.49 -14.44 -20.02
CA GLU B 208 -12.85 -14.70 -19.54
C GLU B 208 -13.34 -13.61 -18.60
N GLN B 209 -12.40 -13.00 -17.91
CA GLN B 209 -12.71 -11.95 -16.96
C GLN B 209 -12.87 -10.57 -17.63
N ILE B 210 -12.51 -10.51 -18.91
CA ILE B 210 -12.54 -9.25 -19.67
C ILE B 210 -13.74 -9.04 -20.60
N PRO B 211 -14.62 -8.07 -20.27
CA PRO B 211 -15.77 -7.83 -21.14
C PRO B 211 -15.40 -7.55 -22.60
N LEU B 212 -14.34 -6.78 -22.83
CA LEU B 212 -13.96 -6.49 -24.22
C LEU B 212 -13.46 -7.78 -24.93
N GLY B 213 -13.22 -8.84 -24.15
CA GLY B 213 -12.80 -10.12 -24.75
C GLY B 213 -11.41 -10.22 -25.30
N ARG B 214 -10.54 -9.27 -24.94
CA ARG B 214 -9.18 -9.24 -25.43
C ARG B 214 -8.24 -8.57 -24.42
N PHE B 215 -6.95 -8.87 -24.53
CA PHE B 215 -5.97 -8.24 -23.64
C PHE B 215 -5.72 -6.83 -24.22
N GLY B 216 -5.24 -5.91 -23.40
CA GLY B 216 -5.00 -4.61 -23.99
C GLY B 216 -3.57 -4.57 -24.46
N SER B 217 -3.23 -3.64 -25.34
CA SER B 217 -1.84 -3.57 -25.77
C SER B 217 -1.09 -2.56 -24.91
N PRO B 218 0.26 -2.62 -24.91
CA PRO B 218 1.04 -1.67 -24.12
C PRO B 218 0.73 -0.25 -24.61
N GLU B 219 0.55 -0.07 -25.92
CA GLU B 219 0.23 1.24 -26.46
C GLU B 219 -1.09 1.81 -25.91
N GLU B 220 -2.08 0.95 -25.68
CA GLU B 220 -3.33 1.43 -25.09
C GLU B 220 -3.14 1.95 -23.65
N VAL B 221 -2.20 1.38 -22.91
CA VAL B 221 -1.88 1.91 -21.57
C VAL B 221 -1.12 3.21 -21.74
N ALA B 222 -0.15 3.21 -22.65
CA ALA B 222 0.68 4.39 -22.91
C ALA B 222 -0.19 5.59 -23.32
N ASN B 223 -1.25 5.35 -24.08
CA ASN B 223 -2.16 6.43 -24.52
C ASN B 223 -2.82 7.14 -23.36
N VAL B 224 -3.11 6.39 -22.31
CA VAL B 224 -3.74 6.97 -21.11
C VAL B 224 -2.74 7.79 -20.32
N VAL B 225 -1.49 7.30 -20.28
CA VAL B 225 -0.43 8.08 -19.64
C VAL B 225 -0.27 9.38 -20.40
N LEU B 226 -0.27 9.31 -21.72
CA LEU B 226 -0.13 10.51 -22.54
C LEU B 226 -1.27 11.49 -22.20
N PHE B 227 -2.50 10.98 -22.12
CA PHE B 227 -3.63 11.83 -21.78
C PHE B 227 -3.34 12.54 -20.44
N LEU B 228 -2.90 11.82 -19.42
CA LEU B 228 -2.64 12.47 -18.12
C LEU B 228 -1.51 13.50 -18.17
N CYS B 229 -0.63 13.39 -19.16
CA CYS B 229 0.47 14.36 -19.29
C CYS B 229 0.07 15.57 -20.16
N SER B 230 -1.12 15.51 -20.75
CA SER B 230 -1.58 16.55 -21.69
C SER B 230 -2.40 17.67 -21.06
N GLU B 231 -2.72 18.67 -21.88
CA GLU B 231 -3.53 19.79 -21.35
C GLU B 231 -4.96 19.38 -21.13
N LEU B 232 -5.33 18.20 -21.65
CA LEU B 232 -6.69 17.72 -21.45
C LEU B 232 -6.96 17.20 -20.05
N ALA B 233 -5.92 16.98 -19.26
CA ALA B 233 -6.07 16.45 -17.91
C ALA B 233 -5.71 17.49 -16.85
N SER B 234 -5.84 18.77 -17.21
CA SER B 234 -5.44 19.82 -16.26
C SER B 234 -6.26 19.96 -14.96
N TYR B 235 -7.46 19.38 -14.88
CA TYR B 235 -8.22 19.46 -13.62
C TYR B 235 -8.33 18.09 -12.93
N ILE B 236 -7.49 17.15 -13.34
CA ILE B 236 -7.50 15.80 -12.76
C ILE B 236 -6.27 15.60 -11.90
N THR B 237 -6.48 15.32 -10.62
CA THR B 237 -5.35 15.00 -9.79
C THR B 237 -5.86 14.18 -8.65
N GLY B 238 -5.01 13.26 -8.18
CA GLY B 238 -5.38 12.37 -7.09
C GLY B 238 -6.34 11.28 -7.58
N GLU B 239 -6.33 11.03 -8.87
CA GLU B 239 -7.27 10.07 -9.47
C GLU B 239 -6.59 8.82 -10.03
N VAL B 240 -7.35 7.75 -10.15
CA VAL B 240 -6.85 6.51 -10.75
C VAL B 240 -7.66 6.29 -12.00
N ILE B 241 -7.00 6.04 -13.13
CA ILE B 241 -7.74 5.73 -14.32
C ILE B 241 -7.52 4.22 -14.58
N HIS B 242 -8.60 3.45 -14.58
CA HIS B 242 -8.53 2.01 -14.81
C HIS B 242 -8.58 1.80 -16.31
N VAL B 243 -7.67 0.97 -16.81
CA VAL B 243 -7.56 0.70 -18.23
C VAL B 243 -7.52 -0.82 -18.30
N ASN B 244 -8.70 -1.41 -18.24
CA ASN B 244 -8.78 -2.85 -18.12
C ASN B 244 -9.86 -3.55 -18.92
N GLY B 245 -10.40 -2.84 -19.92
CA GLY B 245 -11.41 -3.45 -20.76
C GLY B 245 -12.74 -3.80 -20.11
N GLY B 246 -13.01 -3.19 -18.96
CA GLY B 246 -14.27 -3.39 -18.29
C GLY B 246 -14.25 -4.43 -17.19
N MET B 247 -13.08 -4.93 -16.81
CA MET B 247 -13.11 -5.94 -15.76
C MET B 247 -13.30 -5.40 -14.34
N PHE B 248 -13.04 -4.10 -14.13
CA PHE B 248 -13.20 -3.53 -12.79
C PHE B 248 -13.54 -2.02 -12.92
OH2 1PE C . -13.88 -22.44 20.76
C12 1PE C . -12.77 -23.29 20.44
C22 1PE C . -11.83 -22.55 19.48
OH3 1PE C . -12.52 -22.09 18.30
C13 1PE C . -13.23 -22.35 16.05
C23 1PE C . -12.49 -23.02 17.21
OH4 1PE C . -14.34 -23.20 15.71
C14 1PE C . -15.92 -21.57 16.50
C24 1PE C . -15.44 -22.38 15.30
OH5 1PE C . -17.22 -21.07 16.18
C15 1PE C . -18.31 -19.79 17.82
C25 1PE C . -17.38 -19.73 16.63
OH6 1PE C . -17.57 -20.02 19.03
C16 1PE C . -17.07 -19.00 21.14
C26 1PE C . -17.49 -18.75 19.69
OH7 1PE C . -15.75 -19.54 21.17
OH2 1PE D . -2.12 9.27 13.89
C12 1PE D . -2.78 8.04 14.23
C22 1PE D . -3.98 7.93 13.27
OH3 1PE D . -3.61 8.48 12.00
C13 1PE D . -4.21 10.62 11.04
C23 1PE D . -4.71 9.28 11.55
OH4 1PE D . -5.34 11.48 10.80
C14 1PE D . -5.10 13.36 12.30
C24 1PE D . -4.96 12.87 10.86
OH5 1PE D . -6.47 13.28 12.70
C15 1PE D . -7.49 14.30 14.62
C25 1PE D . -6.58 13.17 14.13
OH6 1PE D . -8.39 13.73 15.58
C16 1PE D . -7.61 12.93 17.74
C26 1PE D . -7.81 12.61 16.26
OH7 1PE D . -6.52 12.17 18.26
OH2 1PE E . 5.45 24.69 -23.45
C12 1PE E . 6.73 25.27 -23.77
C22 1PE E . 7.83 24.33 -23.26
OH3 1PE E . 7.48 23.93 -21.93
C13 1PE E . 8.02 22.86 -19.92
C23 1PE E . 8.59 23.33 -21.25
OH4 1PE E . 7.40 23.90 -19.15
C14 1PE E . 5.12 24.72 -18.95
C24 1PE E . 6.03 23.49 -18.99
OH5 1PE E . 3.72 24.39 -19.01
C15 1PE E . 2.08 23.60 -20.73
C25 1PE E . 3.51 23.68 -20.25
OH6 1PE E . 2.26 22.91 -21.97
C16 1PE E . 1.76 22.50 -24.17
C26 1PE E . 1.11 22.91 -22.84
OH7 1PE E . 3.00 21.87 -23.84
OH2 1PE F . 0.36 -11.28 -20.33
C12 1PE F . -0.53 -11.14 -19.23
C22 1PE F . -1.97 -11.36 -19.69
OH3 1PE F . -2.67 -12.03 -18.63
C13 1PE F . -2.57 -12.34 -16.18
C23 1PE F . -1.86 -11.88 -17.44
OH4 1PE F . -1.58 -12.26 -15.13
C14 1PE F . -1.73 -10.18 -13.94
C24 1PE F . -2.09 -11.65 -13.94
OH5 1PE F . -1.13 -9.82 -12.68
C15 1PE F . 0.21 -7.78 -12.56
C25 1PE F . -1.18 -8.39 -12.56
OH6 1PE F . 0.96 -8.04 -13.77
C16 1PE F . 3.21 -7.56 -14.71
C26 1PE F . 2.29 -7.60 -13.49
OH7 1PE F . 3.59 -8.88 -15.11
O1 MES G . 9.49 -18.96 3.14
C2 MES G . 8.59 -20.08 3.16
C3 MES G . 7.32 -19.77 3.97
N4 MES G . 7.71 -19.33 5.32
C5 MES G . 9.16 -19.41 5.53
C6 MES G . 9.90 -18.59 4.46
C7 MES G . 6.99 -20.05 6.39
C8 MES G . 5.73 -20.70 5.83
S MES G . 4.48 -21.05 7.12
O1S MES G . 5.31 -21.64 8.22
O2S MES G . 4.00 -19.78 7.76
O3S MES G . 3.52 -22.17 6.86
#